data_6FYJ
#
_entry.id   6FYJ
#
_cell.length_a   93.952
_cell.length_b   71.173
_cell.length_c   68.425
_cell.angle_alpha   90.00
_cell.angle_beta   103.58
_cell.angle_gamma   90.00
#
_symmetry.space_group_name_H-M   'C 1 2 1'
#
loop_
_entity.id
_entity.type
_entity.pdbx_description
1 polymer 'Fatty-acid peroxygenase'
2 non-polymer 'MYRISTIC ACID'
3 non-polymer 'PROTOPORPHYRIN IX CONTAINING FE'
4 non-polymer DI(HYDROXYETHYL)ETHER
5 water water
#
_entity_poly.entity_id   1
_entity_poly.type   'polypeptide(L)'
_entity_poly.pdbx_seq_one_letter_code
;GSMSNINQMPREEGIDSTWRLMEEGYMYILNRRHSFNSDIFETRLLGKKAICMGGKEAAEIFYDTEKFKRKDAAPNRVVQ
TLFGKNGVQALDGQTHKHRKEMFMSIMSPDELEKLTDITKKQWEIAVDKWEQMDKVILYEEAKEIMCRTACQWAGVPVQE
NEVKRLTKNLGAMFESAAAVGLKHWLGRHARNYEEIWIEELIDRVRDGKVNPPENTTLHKFSWYRDLEGNLLDTETAAVE
VINILRPIVAIAIFINFIALALHHYPEEKEKLKSGDKKYSQMFVQEVRRFYPFFPFVVALVKKDFTWKGYKFEEGTLTLL
DLYGTNHDPEIWKNPDVFSPDRFAKWEGSPFSFIPQGGGDYFMGHRCAGEWVTIEVMKVSLDYLTNRMDYEVPDQDLSFS
MASMPSIPHSKVVIKNVKKRI
;
_entity_poly.pdbx_strand_id   A
#
loop_
_chem_comp.id
_chem_comp.type
_chem_comp.name
_chem_comp.formula
HEM non-polymer 'PROTOPORPHYRIN IX CONTAINING FE' 'C34 H32 Fe N4 O4'
MYR non-polymer 'MYRISTIC ACID' 'C14 H28 O2'
PEG non-polymer DI(HYDROXYETHYL)ETHER 'C4 H10 O3'
#
# COMPACT_ATOMS: atom_id res chain seq x y z
N SER A 4 21.44 -20.87 -25.93
CA SER A 4 20.41 -21.00 -26.96
C SER A 4 20.15 -19.65 -27.66
N ASN A 5 19.39 -19.69 -28.77
CA ASN A 5 19.11 -18.49 -29.54
C ASN A 5 18.31 -17.50 -28.71
N ILE A 6 18.53 -16.21 -28.95
CA ILE A 6 17.75 -15.14 -28.33
C ILE A 6 16.51 -14.86 -29.19
N ASN A 7 15.33 -14.86 -28.56
CA ASN A 7 14.07 -14.62 -29.24
C ASN A 7 13.64 -13.17 -29.03
N GLN A 8 12.59 -12.77 -29.77
CA GLN A 8 12.09 -11.40 -29.67
C GLN A 8 10.87 -11.35 -28.76
N MET A 9 10.97 -10.60 -27.68
CA MET A 9 9.83 -10.41 -26.79
C MET A 9 8.68 -9.76 -27.55
N PRO A 10 7.42 -10.14 -27.27
CA PRO A 10 6.29 -9.39 -27.82
C PRO A 10 6.46 -7.90 -27.51
N ARG A 11 6.07 -7.04 -28.45
CA ARG A 11 6.36 -5.62 -28.35
C ARG A 11 5.17 -4.75 -28.75
N GLU A 12 4.82 -3.80 -27.87
CA GLU A 12 3.79 -2.80 -28.15
C GLU A 12 4.43 -1.63 -28.86
N GLU A 13 4.00 -1.41 -30.11
CA GLU A 13 4.56 -0.33 -30.91
C GLU A 13 3.91 1.00 -30.56
N GLY A 14 4.64 2.06 -30.86
CA GLY A 14 4.20 3.43 -30.68
C GLY A 14 5.33 4.16 -29.98
N ILE A 15 5.47 5.45 -30.27
CA ILE A 15 6.61 6.19 -29.74
C ILE A 15 6.61 6.20 -28.22
N ASP A 16 5.44 6.22 -27.60
CA ASP A 16 5.32 6.17 -26.16
C ASP A 16 3.91 5.71 -25.83
N SER A 17 3.80 4.77 -24.88
CA SER A 17 2.55 4.16 -24.56
C SER A 17 2.05 4.53 -23.16
N THR A 18 2.66 5.53 -22.51
CA THR A 18 2.23 5.94 -21.18
C THR A 18 0.76 6.31 -21.18
N TRP A 19 0.27 6.89 -22.28
CA TRP A 19 -1.12 7.26 -22.36
C TRP A 19 -2.08 6.07 -22.23
N ARG A 20 -1.67 4.88 -22.70
CA ARG A 20 -2.51 3.69 -22.59
C ARG A 20 -2.55 3.19 -21.16
N LEU A 21 -1.41 3.27 -20.45
CA LEU A 21 -1.38 2.98 -19.02
C LEU A 21 -2.27 3.93 -18.24
N MET A 22 -2.23 5.22 -18.56
CA MET A 22 -3.10 6.18 -17.89
C MET A 22 -4.57 5.90 -18.15
N GLU A 23 -4.90 5.44 -19.36
CA GLU A 23 -6.28 5.17 -19.69
C GLU A 23 -6.82 3.90 -19.07
N GLU A 24 -5.98 2.86 -18.92
CA GLU A 24 -6.42 1.55 -18.52
C GLU A 24 -6.10 1.20 -17.05
N GLY A 25 -5.12 1.87 -16.49
CA GLY A 25 -4.83 1.74 -15.08
C GLY A 25 -4.47 0.33 -14.66
N TYR A 26 -5.21 -0.20 -13.71
CA TYR A 26 -5.00 -1.53 -13.17
C TYR A 26 -5.03 -2.61 -14.24
N MET A 27 -5.73 -2.37 -15.35
CA MET A 27 -5.91 -3.41 -16.35
C MET A 27 -4.85 -3.36 -17.45
N TYR A 28 -3.99 -2.36 -17.46
CA TYR A 28 -3.03 -2.16 -18.57
C TYR A 28 -2.18 -3.40 -18.82
N ILE A 29 -1.51 -3.93 -17.79
CA ILE A 29 -0.58 -5.03 -18.02
C ILE A 29 -1.33 -6.30 -18.34
N LEU A 30 -2.37 -6.64 -17.56
CA LEU A 30 -3.08 -7.90 -17.77
C LEU A 30 -3.75 -7.93 -19.14
N ASN A 31 -4.29 -6.79 -19.60
CA ASN A 31 -4.91 -6.75 -20.91
C ASN A 31 -3.91 -7.19 -21.97
N ARG A 32 -2.66 -6.75 -21.88
CA ARG A 32 -1.64 -7.07 -22.88
C ARG A 32 -1.02 -8.45 -22.66
N ARG A 33 -0.90 -8.93 -21.43
CA ARG A 33 -0.56 -10.33 -21.24
C ARG A 33 -1.56 -11.21 -21.97
N HIS A 34 -2.83 -10.85 -21.91
CA HIS A 34 -3.86 -11.59 -22.64
C HIS A 34 -3.72 -11.40 -24.15
N SER A 35 -3.67 -10.16 -24.64
CA SER A 35 -3.67 -9.96 -26.09
C SER A 35 -2.39 -10.44 -26.78
N PHE A 36 -1.24 -10.41 -26.12
CA PHE A 36 0.00 -10.94 -26.66
C PHE A 36 0.16 -12.42 -26.38
N ASN A 37 -0.72 -13.01 -25.61
CA ASN A 37 -0.61 -14.41 -25.20
C ASN A 37 0.75 -14.73 -24.59
N SER A 38 1.17 -13.86 -23.65
CA SER A 38 2.49 -13.92 -23.06
C SER A 38 2.47 -13.31 -21.66
N ASP A 39 3.21 -13.88 -20.73
CA ASP A 39 3.32 -13.26 -19.42
C ASP A 39 4.30 -12.10 -19.38
N ILE A 40 4.94 -11.78 -20.49
CA ILE A 40 5.94 -10.74 -20.61
C ILE A 40 5.78 -10.00 -21.93
N PHE A 41 5.91 -8.69 -21.91
CA PHE A 41 6.00 -7.94 -23.18
C PHE A 41 6.82 -6.68 -22.94
N GLU A 42 7.27 -6.08 -24.01
CA GLU A 42 7.96 -4.81 -23.97
C GLU A 42 7.15 -3.70 -24.59
N THR A 43 7.37 -2.50 -24.09
CA THR A 43 6.64 -1.32 -24.53
C THR A 43 7.55 -0.10 -24.32
N ARG A 44 6.96 1.09 -24.37
CA ARG A 44 7.64 2.35 -24.04
C ARG A 44 6.77 3.13 -23.07
N LEU A 45 7.34 3.46 -21.90
CA LEU A 45 6.65 4.19 -20.84
C LEU A 45 7.60 5.25 -20.33
N LEU A 46 7.07 6.42 -20.01
CA LEU A 46 7.86 7.57 -19.52
C LEU A 46 9.09 7.80 -20.37
N GLY A 47 8.91 7.71 -21.67
CA GLY A 47 9.94 8.06 -22.62
C GLY A 47 11.04 7.05 -22.81
N LYS A 48 10.92 5.84 -22.28
CA LYS A 48 11.98 4.86 -22.40
C LYS A 48 11.37 3.47 -22.59
N LYS A 49 12.20 2.54 -23.01
CA LYS A 49 11.82 1.13 -23.03
C LYS A 49 11.36 0.70 -21.65
N ALA A 50 10.39 -0.20 -21.64
CA ALA A 50 9.90 -0.82 -20.42
C ALA A 50 9.53 -2.26 -20.73
N ILE A 51 9.75 -3.13 -19.75
CA ILE A 51 9.29 -4.52 -19.77
C ILE A 51 8.21 -4.68 -18.72
N CYS A 52 7.12 -5.31 -19.07
CA CYS A 52 6.03 -5.58 -18.14
C CYS A 52 5.83 -7.07 -18.03
N MET A 53 5.59 -7.58 -16.83
CA MET A 53 5.43 -9.02 -16.65
C MET A 53 4.59 -9.34 -15.44
N GLY A 54 3.92 -10.50 -15.47
CA GLY A 54 3.07 -10.93 -14.39
C GLY A 54 3.01 -12.45 -14.31
N GLY A 55 2.31 -12.93 -13.28
CA GLY A 55 2.24 -14.33 -12.91
C GLY A 55 3.27 -14.71 -11.86
N LYS A 56 3.13 -15.91 -11.30
CA LYS A 56 3.95 -16.27 -10.15
C LYS A 56 5.42 -16.47 -10.49
N GLU A 57 5.71 -17.04 -11.68
CA GLU A 57 7.11 -17.19 -12.07
C GLU A 57 7.77 -15.81 -12.28
N ALA A 58 7.10 -14.94 -13.04
CA ALA A 58 7.64 -13.59 -13.21
C ALA A 58 7.88 -12.91 -11.88
N ALA A 59 6.97 -13.08 -10.92
CA ALA A 59 7.16 -12.46 -9.62
C ALA A 59 8.42 -12.97 -8.93
N GLU A 60 8.62 -14.29 -8.95
CA GLU A 60 9.80 -14.87 -8.32
C GLU A 60 11.11 -14.37 -8.98
N ILE A 61 11.08 -14.20 -10.29
CA ILE A 61 12.23 -13.66 -11.01
C ILE A 61 12.46 -12.17 -10.67
N PHE A 62 11.38 -11.40 -10.57
CA PHE A 62 11.48 -9.98 -10.24
C PHE A 62 12.11 -9.75 -8.88
N TYR A 63 11.85 -10.65 -7.91
CA TYR A 63 12.38 -10.62 -6.55
C TYR A 63 13.79 -11.23 -6.44
N ASP A 64 14.39 -11.62 -7.55
CA ASP A 64 15.77 -12.12 -7.58
C ASP A 64 16.67 -10.91 -7.61
N THR A 65 17.31 -10.61 -6.46
CA THR A 65 18.10 -9.41 -6.34
C THR A 65 19.49 -9.52 -6.97
N GLU A 66 19.84 -10.66 -7.56
CA GLU A 66 20.96 -10.69 -8.48
C GLU A 66 20.57 -10.15 -9.85
N LYS A 67 19.29 -10.17 -10.17
CA LYS A 67 18.82 -9.77 -11.50
C LYS A 67 18.18 -8.40 -11.55
N PHE A 68 17.65 -7.88 -10.42
CA PHE A 68 16.91 -6.62 -10.36
C PHE A 68 17.38 -5.78 -9.18
N LYS A 69 17.47 -4.50 -9.43
CA LYS A 69 17.84 -3.51 -8.41
C LYS A 69 16.78 -2.43 -8.39
N ARG A 70 16.65 -1.75 -7.24
CA ARG A 70 15.71 -0.65 -7.07
C ARG A 70 16.33 0.74 -7.19
N LYS A 71 17.64 0.88 -7.08
CA LYS A 71 18.25 2.21 -7.16
C LYS A 71 17.91 2.87 -8.49
N ASP A 72 17.31 4.04 -8.38
CA ASP A 72 16.97 4.89 -9.52
C ASP A 72 15.88 4.32 -10.41
N ALA A 73 15.16 3.31 -9.95
CA ALA A 73 14.11 2.73 -10.78
C ALA A 73 12.83 3.56 -10.78
N ALA A 74 12.34 3.94 -9.61
CA ALA A 74 11.10 4.71 -9.56
C ALA A 74 11.28 6.08 -10.21
N PRO A 75 10.32 6.50 -11.03
CA PRO A 75 10.33 7.84 -11.59
C PRO A 75 10.41 8.93 -10.52
N ASN A 76 11.09 10.04 -10.82
CA ASN A 76 11.21 11.12 -9.84
C ASN A 76 9.84 11.59 -9.34
N ARG A 77 8.83 11.60 -10.22
CA ARG A 77 7.50 12.06 -9.81
C ARG A 77 6.90 11.20 -8.71
N VAL A 78 7.29 9.91 -8.65
CA VAL A 78 6.85 8.99 -7.60
C VAL A 78 7.70 9.17 -6.36
N VAL A 79 9.00 9.40 -6.50
CA VAL A 79 9.85 9.68 -5.35
C VAL A 79 9.35 10.91 -4.62
N GLN A 80 8.96 11.95 -5.34
CA GLN A 80 8.57 13.22 -4.76
C GLN A 80 7.14 13.25 -4.22
N THR A 81 6.37 12.17 -4.35
CA THR A 81 5.03 12.06 -3.79
C THR A 81 4.97 10.87 -2.87
N LEU A 82 5.06 9.66 -3.38
CA LEU A 82 4.80 8.46 -2.58
C LEU A 82 5.95 8.09 -1.68
N PHE A 83 7.18 8.07 -2.17
CA PHE A 83 8.26 7.36 -1.45
C PHE A 83 9.10 8.25 -0.52
N GLY A 84 9.45 9.43 -0.98
CA GLY A 84 10.52 10.18 -0.35
C GLY A 84 11.89 9.82 -0.83
N LYS A 85 12.83 10.76 -0.78
CA LYS A 85 14.16 10.50 -1.23
C LYS A 85 14.93 9.69 -0.21
N ASN A 86 15.70 8.70 -0.68
CA ASN A 86 16.67 7.94 0.09
C ASN A 86 16.05 7.06 1.17
N GLY A 87 14.77 6.76 1.07
CA GLY A 87 14.11 5.80 1.92
C GLY A 87 14.38 4.38 1.51
N VAL A 88 13.78 3.46 2.26
CA VAL A 88 14.05 2.04 2.12
C VAL A 88 13.73 1.54 0.71
N GLN A 89 12.73 2.14 0.05
CA GLN A 89 12.36 1.72 -1.31
C GLN A 89 13.49 1.89 -2.32
N ALA A 90 14.43 2.79 -2.05
CA ALA A 90 15.51 3.15 -2.96
C ALA A 90 16.72 2.25 -2.85
N LEU A 91 16.78 1.40 -1.86
CA LEU A 91 18.02 0.73 -1.47
C LEU A 91 18.13 -0.67 -2.03
N ASP A 92 19.37 -1.13 -2.11
CA ASP A 92 19.75 -2.48 -2.52
C ASP A 92 20.76 -3.07 -1.54
N GLY A 93 20.96 -4.38 -1.64
CA GLY A 93 22.06 -5.06 -0.97
C GLY A 93 21.99 -5.06 0.54
N GLN A 94 23.17 -5.07 1.16
CA GLN A 94 23.24 -5.05 2.62
C GLN A 94 22.71 -3.75 3.21
N THR A 95 22.88 -2.64 2.48
CA THR A 95 22.29 -1.36 2.94
C THR A 95 20.77 -1.49 3.04
N HIS A 96 20.14 -2.07 2.02
CA HIS A 96 18.70 -2.34 2.13
C HIS A 96 18.38 -3.27 3.29
N LYS A 97 19.11 -4.39 3.41
CA LYS A 97 18.79 -5.37 4.44
C LYS A 97 18.80 -4.71 5.82
N HIS A 98 19.82 -3.91 6.09
CA HIS A 98 19.94 -3.25 7.40
C HIS A 98 18.84 -2.23 7.65
N ARG A 99 18.48 -1.43 6.65
CA ARG A 99 17.38 -0.48 6.79
C ARG A 99 16.07 -1.22 6.98
N LYS A 100 15.85 -2.28 6.22
CA LYS A 100 14.61 -3.04 6.36
C LYS A 100 14.47 -3.65 7.75
N GLU A 101 15.58 -4.07 8.36
CA GLU A 101 15.52 -4.57 9.73
C GLU A 101 14.99 -3.53 10.71
N MET A 102 15.31 -2.24 10.49
CA MET A 102 14.73 -1.18 11.32
C MET A 102 13.21 -1.18 11.22
N PHE A 103 12.68 -1.29 9.99
CA PHE A 103 11.22 -1.34 9.86
C PHE A 103 10.63 -2.58 10.49
N MET A 104 11.25 -3.75 10.31
CA MET A 104 10.68 -4.97 10.83
C MET A 104 10.75 -5.02 12.35
N SER A 105 11.63 -4.25 12.94
CA SER A 105 11.83 -4.27 14.39
C SER A 105 10.67 -3.70 15.17
N ILE A 106 9.80 -2.88 14.56
CA ILE A 106 8.63 -2.35 15.24
C ILE A 106 7.40 -3.24 15.08
N MET A 107 7.53 -4.36 14.38
CA MET A 107 6.41 -5.21 14.00
C MET A 107 6.27 -6.46 14.87
N SER A 108 6.67 -6.38 16.11
CA SER A 108 6.68 -7.54 17.00
C SER A 108 5.28 -7.79 17.57
N PRO A 109 5.05 -8.98 18.16
CA PRO A 109 3.73 -9.25 18.76
C PRO A 109 3.24 -8.19 19.74
N ASP A 110 4.09 -7.73 20.65
CA ASP A 110 3.64 -6.76 21.64
C ASP A 110 3.26 -5.45 20.98
N GLU A 111 4.01 -5.03 19.96
CA GLU A 111 3.72 -3.76 19.30
C GLU A 111 2.47 -3.84 18.44
N LEU A 112 2.21 -4.99 17.82
CA LEU A 112 0.99 -5.14 17.05
C LEU A 112 -0.24 -5.17 17.96
N GLU A 113 -0.11 -5.77 19.16
CA GLU A 113 -1.19 -5.66 20.14
C GLU A 113 -1.46 -4.21 20.52
N LYS A 114 -0.41 -3.42 20.75
CA LYS A 114 -0.59 -1.97 21.00
C LYS A 114 -1.34 -1.31 19.85
N LEU A 115 -0.97 -1.65 18.61
CA LEU A 115 -1.64 -1.10 17.44
C LEU A 115 -3.12 -1.46 17.41
N THR A 116 -3.45 -2.73 17.62
CA THR A 116 -4.84 -3.14 17.56
C THR A 116 -5.68 -2.49 18.66
N ASP A 117 -5.13 -2.34 19.87
CA ASP A 117 -5.82 -1.61 20.95
C ASP A 117 -6.11 -0.17 20.56
N ILE A 118 -5.11 0.53 20.01
CA ILE A 118 -5.32 1.91 19.56
C ILE A 118 -6.38 1.97 18.47
N THR A 119 -6.29 1.07 17.50
CA THR A 119 -7.19 1.12 16.37
C THR A 119 -8.63 0.98 16.86
N LYS A 120 -8.86 0.03 17.77
CA LYS A 120 -10.20 -0.16 18.34
C LYS A 120 -10.70 1.09 19.04
N LYS A 121 -9.86 1.70 19.86
CA LYS A 121 -10.27 2.92 20.55
C LYS A 121 -10.61 4.03 19.58
N GLN A 122 -9.82 4.19 18.50
CA GLN A 122 -10.08 5.28 17.57
C GLN A 122 -11.37 5.02 16.76
N TRP A 123 -11.66 3.75 16.44
CA TRP A 123 -12.96 3.42 15.86
C TRP A 123 -14.09 3.84 16.81
N GLU A 124 -13.97 3.52 18.09
CA GLU A 124 -15.03 3.86 19.06
C GLU A 124 -15.29 5.36 19.10
N ILE A 125 -14.21 6.14 19.11
CA ILE A 125 -14.29 7.61 19.09
C ILE A 125 -15.01 8.10 17.84
N ALA A 126 -14.63 7.56 16.69
CA ALA A 126 -15.24 7.98 15.43
C ALA A 126 -16.72 7.64 15.40
N VAL A 127 -17.07 6.44 15.85
CA VAL A 127 -18.47 6.01 15.82
C VAL A 127 -19.31 6.90 16.72
N ASP A 128 -18.76 7.28 17.88
CA ASP A 128 -19.51 8.17 18.75
C ASP A 128 -19.78 9.50 18.08
N LYS A 129 -18.79 10.02 17.36
CA LYS A 129 -18.94 11.24 16.57
C LYS A 129 -20.00 11.05 15.49
N TRP A 130 -19.93 9.94 14.76
CA TRP A 130 -20.85 9.76 13.63
C TRP A 130 -22.29 9.62 14.09
N GLU A 131 -22.49 9.08 15.29
CA GLU A 131 -23.84 8.88 15.80
C GLU A 131 -24.56 10.21 16.00
N GLN A 132 -23.83 11.28 16.23
CA GLN A 132 -24.39 12.62 16.37
C GLN A 132 -24.38 13.39 15.06
N MET A 133 -24.00 12.74 13.97
CA MET A 133 -24.04 13.33 12.65
C MET A 133 -25.22 12.74 11.90
N ASP A 134 -25.47 13.25 10.69
CA ASP A 134 -26.45 12.66 9.80
C ASP A 134 -25.75 11.78 8.77
N LYS A 135 -25.22 12.37 7.72
CA LYS A 135 -24.43 11.66 6.72
C LYS A 135 -22.96 11.70 7.11
N VAL A 136 -22.26 10.65 6.75
CA VAL A 136 -20.86 10.44 7.12
C VAL A 136 -20.16 9.92 5.87
N ILE A 137 -19.03 10.53 5.55
CA ILE A 137 -18.26 10.16 4.36
C ILE A 137 -17.15 9.23 4.83
N LEU A 138 -17.36 7.93 4.65
CA LEU A 138 -16.50 6.93 5.27
C LEU A 138 -15.01 7.09 4.86
N TYR A 139 -14.72 7.35 3.59
CA TYR A 139 -13.30 7.39 3.20
C TYR A 139 -12.56 8.50 3.95
N GLU A 140 -13.16 9.67 4.02
CA GLU A 140 -12.53 10.80 4.66
C GLU A 140 -12.44 10.59 6.17
N GLU A 141 -13.50 10.04 6.76
CA GLU A 141 -13.48 9.81 8.19
C GLU A 141 -12.50 8.69 8.56
N ALA A 142 -12.38 7.68 7.70
CA ALA A 142 -11.45 6.58 7.95
C ALA A 142 -10.00 7.03 7.83
N LYS A 143 -9.72 7.97 6.93
CA LYS A 143 -8.36 8.51 6.87
C LYS A 143 -7.99 9.15 8.20
N GLU A 144 -8.95 9.88 8.80
CA GLU A 144 -8.71 10.52 10.09
C GLU A 144 -8.55 9.50 11.22
N ILE A 145 -9.40 8.47 11.26
CA ILE A 145 -9.17 7.37 12.20
C ILE A 145 -7.74 6.86 12.10
N MET A 146 -7.30 6.60 10.86
CA MET A 146 -6.00 5.99 10.64
C MET A 146 -4.86 6.96 10.91
N CYS A 147 -5.06 8.25 10.64
CA CYS A 147 -4.03 9.24 11.00
C CYS A 147 -3.86 9.34 12.52
N ARG A 148 -4.97 9.38 13.26
CA ARG A 148 -4.85 9.42 14.72
C ARG A 148 -4.20 8.14 15.27
N THR A 149 -4.59 6.98 14.72
CA THR A 149 -4.00 5.71 15.08
C THR A 149 -2.50 5.73 14.81
N ALA A 150 -2.11 6.13 13.59
CA ALA A 150 -0.70 6.12 13.21
C ALA A 150 0.13 6.97 14.15
N CYS A 151 -0.30 8.21 14.40
CA CYS A 151 0.49 9.10 15.24
C CYS A 151 0.62 8.53 16.65
N GLN A 152 -0.48 8.07 17.23
CA GLN A 152 -0.39 7.49 18.58
C GLN A 152 0.53 6.27 18.61
N TRP A 153 0.38 5.35 17.66
CA TRP A 153 1.18 4.16 17.66
C TRP A 153 2.66 4.47 17.43
N ALA A 154 2.94 5.45 16.56
CA ALA A 154 4.28 5.86 16.20
C ALA A 154 4.97 6.72 17.25
N GLY A 155 4.24 7.25 18.23
CA GLY A 155 4.81 8.12 19.23
C GLY A 155 4.97 9.55 18.79
N VAL A 156 4.21 9.97 17.78
CA VAL A 156 4.33 11.32 17.22
C VAL A 156 3.29 12.19 17.91
N PRO A 157 3.70 13.18 18.74
CA PRO A 157 2.70 14.04 19.39
C PRO A 157 2.05 14.96 18.37
N VAL A 158 0.73 15.12 18.46
CA VAL A 158 -0.01 15.97 17.53
C VAL A 158 -1.08 16.79 18.24
N GLN A 159 -1.17 18.05 17.89
CA GLN A 159 -2.35 18.83 18.29
C GLN A 159 -3.51 18.57 17.33
N GLU A 160 -4.72 19.04 17.68
CA GLU A 160 -5.89 18.78 16.84
C GLU A 160 -5.73 19.35 15.43
N ASN A 161 -5.22 20.59 15.31
CA ASN A 161 -5.01 21.15 13.98
C ASN A 161 -3.99 20.35 13.19
N GLU A 162 -3.01 19.81 13.89
CA GLU A 162 -2.00 19.02 13.21
C GLU A 162 -2.59 17.71 12.69
N VAL A 163 -3.50 17.11 13.45
CA VAL A 163 -4.22 15.92 12.98
C VAL A 163 -4.93 16.21 11.65
N LYS A 164 -5.67 17.30 11.57
CA LYS A 164 -6.40 17.61 10.36
C LYS A 164 -5.46 17.83 9.18
N ARG A 165 -4.39 18.57 9.41
CA ARG A 165 -3.44 18.87 8.36
C ARG A 165 -2.73 17.60 7.92
N LEU A 166 -2.22 16.81 8.86
CA LEU A 166 -1.56 15.55 8.53
C LEU A 166 -2.48 14.61 7.77
N THR A 167 -3.75 14.54 8.16
CA THR A 167 -4.64 13.62 7.47
C THR A 167 -4.74 14.00 6.00
N LYS A 168 -4.90 15.30 5.75
CA LYS A 168 -4.96 15.82 4.39
C LYS A 168 -3.65 15.58 3.64
N ASN A 169 -2.52 15.92 4.24
CA ASN A 169 -1.24 15.85 3.55
C ASN A 169 -0.77 14.41 3.32
N LEU A 170 -0.92 13.54 4.32
CA LEU A 170 -0.56 12.12 4.13
C LEU A 170 -1.44 11.50 3.06
N GLY A 171 -2.72 11.83 3.06
CA GLY A 171 -3.61 11.41 2.00
C GLY A 171 -3.13 11.84 0.63
N ALA A 172 -2.77 13.10 0.51
CA ALA A 172 -2.34 13.65 -0.77
C ALA A 172 -1.08 12.97 -1.29
N MET A 173 -0.20 12.53 -0.42
CA MET A 173 1.03 11.90 -0.85
C MET A 173 0.75 10.66 -1.65
N PHE A 174 -0.19 9.81 -1.23
CA PHE A 174 -0.49 8.63 -2.01
C PHE A 174 -1.56 8.85 -3.07
N GLU A 175 -2.47 9.79 -2.89
CA GLU A 175 -3.52 10.10 -3.85
C GLU A 175 -2.96 10.84 -5.06
N SER A 176 -1.76 11.37 -4.96
CA SER A 176 -1.13 12.17 -6.00
CA SER A 176 -1.18 12.15 -6.05
C SER A 176 -0.11 11.40 -6.84
N ALA A 177 0.32 10.22 -6.39
CA ALA A 177 1.48 9.57 -6.96
C ALA A 177 1.30 9.14 -8.42
N ALA A 178 0.08 8.76 -8.78
CA ALA A 178 -0.25 8.39 -10.16
C ALA A 178 -1.12 9.45 -10.83
N ALA A 179 -1.17 10.64 -10.27
CA ALA A 179 -1.95 11.75 -10.80
C ALA A 179 -1.08 12.61 -11.72
N VAL A 180 -1.78 13.46 -12.49
CA VAL A 180 -1.18 14.46 -13.35
C VAL A 180 -1.55 15.87 -12.88
N GLY A 181 -0.80 16.82 -13.37
CA GLY A 181 -1.26 18.20 -13.31
C GLY A 181 -1.36 18.76 -11.91
N LEU A 182 -2.37 19.61 -11.72
CA LEU A 182 -2.60 20.27 -10.43
C LEU A 182 -2.68 19.29 -9.27
N LYS A 183 -3.46 18.22 -9.44
CA LYS A 183 -3.63 17.22 -8.37
C LYS A 183 -2.31 16.60 -7.95
N HIS A 184 -1.43 16.33 -8.92
CA HIS A 184 -0.12 15.75 -8.62
C HIS A 184 0.67 16.67 -7.71
N TRP A 185 0.67 17.96 -8.01
CA TRP A 185 1.45 18.91 -7.23
C TRP A 185 0.97 19.09 -5.80
N LEU A 186 -0.32 18.87 -5.56
CA LEU A 186 -0.81 18.89 -4.18
C LEU A 186 -0.01 17.91 -3.34
N GLY A 187 0.27 16.73 -3.89
CA GLY A 187 1.00 15.74 -3.13
C GLY A 187 2.47 16.07 -2.95
N ARG A 188 3.09 16.70 -3.95
CA ARG A 188 4.46 17.15 -3.79
C ARG A 188 4.59 18.17 -2.66
N HIS A 189 3.67 19.14 -2.63
CA HIS A 189 3.75 20.16 -1.60
C HIS A 189 3.42 19.57 -0.23
N ALA A 190 2.47 18.63 -0.18
CA ALA A 190 2.14 17.95 1.09
C ALA A 190 3.38 17.27 1.67
N ARG A 191 4.09 16.51 0.82
CA ARG A 191 5.30 15.84 1.25
C ARG A 191 6.35 16.82 1.73
N ASN A 192 6.57 17.91 1.00
CA ASN A 192 7.56 18.89 1.43
C ASN A 192 7.22 19.41 2.82
N TYR A 193 5.94 19.70 3.08
CA TYR A 193 5.56 20.31 4.35
C TYR A 193 5.80 19.34 5.49
N GLU A 194 5.39 18.08 5.32
CA GLU A 194 5.48 17.14 6.44
C GLU A 194 6.90 16.64 6.65
N GLU A 195 7.72 16.59 5.59
CA GLU A 195 9.13 16.27 5.78
C GLU A 195 9.79 17.27 6.71
N ILE A 196 9.52 18.54 6.49
CA ILE A 196 10.13 19.57 7.33
C ILE A 196 9.62 19.47 8.77
N TRP A 197 8.32 19.21 8.94
CA TRP A 197 7.72 19.08 10.26
C TRP A 197 8.28 17.89 11.02
N ILE A 198 8.34 16.74 10.35
CA ILE A 198 8.89 15.54 10.98
C ILE A 198 10.38 15.70 11.24
N GLU A 199 11.13 16.36 10.34
CA GLU A 199 12.55 16.60 10.58
C GLU A 199 12.76 17.40 11.88
N GLU A 200 11.96 18.43 12.08
N GLU A 200 11.97 18.46 12.07
CA GLU A 200 12.13 19.23 13.30
CA GLU A 200 12.06 19.24 13.30
C GLU A 200 11.79 18.42 14.53
C GLU A 200 11.83 18.36 14.51
N LEU A 201 10.78 17.54 14.45
CA LEU A 201 10.46 16.67 15.56
C LEU A 201 11.61 15.71 15.87
N ILE A 202 12.23 15.10 14.85
CA ILE A 202 13.38 14.22 15.06
C ILE A 202 14.53 14.98 15.71
N ASP A 203 14.79 16.19 15.24
CA ASP A 203 15.81 17.02 15.91
C ASP A 203 15.47 17.27 17.39
N ARG A 204 14.19 17.41 17.73
CA ARG A 204 13.81 17.53 19.15
C ARG A 204 14.03 16.24 19.92
N VAL A 205 13.75 15.09 19.30
CA VAL A 205 14.07 13.82 19.96
C VAL A 205 15.57 13.76 20.24
N ARG A 206 16.37 14.03 19.21
CA ARG A 206 17.82 13.90 19.35
C ARG A 206 18.42 14.89 20.36
N ASP A 207 17.80 16.09 20.51
CA ASP A 207 18.22 17.11 21.48
C ASP A 207 17.72 16.83 22.88
N GLY A 208 16.89 15.81 23.08
CA GLY A 208 16.32 15.50 24.39
C GLY A 208 15.05 16.25 24.77
N LYS A 209 14.49 17.04 23.89
CA LYS A 209 13.32 17.85 24.18
C LYS A 209 11.99 17.12 23.99
N VAL A 210 11.98 16.04 23.22
CA VAL A 210 10.86 15.12 23.11
C VAL A 210 11.39 13.73 23.42
N ASN A 211 10.57 12.92 24.09
CA ASN A 211 11.00 11.63 24.62
C ASN A 211 9.95 10.57 24.36
N PRO A 212 9.88 10.11 23.12
CA PRO A 212 8.94 9.06 22.79
C PRO A 212 9.24 7.78 23.52
N PRO A 213 8.22 6.96 23.82
CA PRO A 213 8.46 5.66 24.43
C PRO A 213 9.39 4.79 23.57
N GLU A 214 10.15 3.93 24.25
CA GLU A 214 11.25 3.22 23.62
C GLU A 214 10.78 2.30 22.52
N ASN A 215 9.55 1.83 22.60
CA ASN A 215 9.09 0.85 21.64
C ASN A 215 8.66 1.44 20.29
N THR A 216 8.52 2.74 20.20
CA THR A 216 7.76 3.35 19.13
C THR A 216 8.62 3.67 17.91
N THR A 217 7.94 3.84 16.78
CA THR A 217 8.58 4.25 15.54
C THR A 217 9.46 5.47 15.73
N LEU A 218 8.94 6.50 16.39
CA LEU A 218 9.69 7.74 16.46
C LEU A 218 10.99 7.53 17.24
N HIS A 219 10.93 6.76 18.33
CA HIS A 219 12.15 6.46 19.07
C HIS A 219 13.08 5.62 18.23
N LYS A 220 12.60 4.51 17.71
CA LYS A 220 13.48 3.57 16.99
C LYS A 220 14.13 4.22 15.77
N PHE A 221 13.36 4.97 14.99
CA PHE A 221 13.87 5.56 13.75
C PHE A 221 14.79 6.76 14.00
N SER A 222 14.55 7.50 15.11
CA SER A 222 15.40 8.62 15.48
C SER A 222 16.77 8.18 15.96
N TRP A 223 16.87 7.00 16.53
CA TRP A 223 18.10 6.54 17.14
C TRP A 223 18.78 5.40 16.38
N TYR A 224 18.17 4.88 15.30
CA TYR A 224 18.79 3.79 14.55
C TYR A 224 20.13 4.22 13.95
N ARG A 225 21.08 3.30 13.99
CA ARG A 225 22.39 3.51 13.41
C ARG A 225 22.62 2.57 12.22
N ASP A 226 23.26 3.12 11.19
CA ASP A 226 23.53 2.42 9.94
C ASP A 226 24.65 1.39 10.14
N LEU A 227 25.08 0.76 9.03
CA LEU A 227 26.09 -0.28 9.10
C LEU A 227 27.43 0.25 9.57
N GLU A 228 27.64 1.56 9.54
CA GLU A 228 28.87 2.18 10.02
C GLU A 228 28.73 2.72 11.43
N GLY A 229 27.60 2.51 12.08
CA GLY A 229 27.39 2.99 13.41
C GLY A 229 26.93 4.43 13.51
N ASN A 230 26.56 5.05 12.41
CA ASN A 230 26.14 6.45 12.44
C ASN A 230 24.63 6.58 12.37
N LEU A 231 24.11 7.58 13.06
CA LEU A 231 22.67 7.90 12.95
C LEU A 231 22.30 8.27 11.51
N LEU A 232 21.08 7.89 11.13
CA LEU A 232 20.56 8.34 9.85
C LEU A 232 20.53 9.87 9.79
N ASP A 233 20.85 10.45 8.64
CA ASP A 233 20.60 11.86 8.41
C ASP A 233 19.15 12.19 8.81
N THR A 234 18.95 13.36 9.40
CA THR A 234 17.60 13.74 9.79
C THR A 234 16.61 13.67 8.63
N GLU A 235 17.01 14.11 7.44
CA GLU A 235 16.10 14.09 6.30
C GLU A 235 15.66 12.64 6.00
N THR A 236 16.64 11.73 6.04
CA THR A 236 16.35 10.30 5.76
C THR A 236 15.45 9.71 6.84
N ALA A 237 15.72 10.01 8.11
CA ALA A 237 14.91 9.47 9.18
C ALA A 237 13.48 9.98 9.05
N ALA A 238 13.32 11.23 8.63
CA ALA A 238 11.96 11.76 8.44
C ALA A 238 11.19 11.06 7.33
N VAL A 239 11.87 10.82 6.19
CA VAL A 239 11.28 10.03 5.11
C VAL A 239 10.84 8.67 5.63
N GLU A 240 11.67 8.04 6.48
CA GLU A 240 11.31 6.73 7.01
C GLU A 240 10.11 6.79 7.95
N VAL A 241 10.03 7.82 8.84
CA VAL A 241 8.85 7.95 9.69
C VAL A 241 7.60 8.13 8.83
N ILE A 242 7.70 8.92 7.76
CA ILE A 242 6.56 9.14 6.88
C ILE A 242 6.16 7.83 6.15
N ASN A 243 7.12 6.93 5.93
CA ASN A 243 6.92 5.59 5.40
C ASN A 243 6.22 4.63 6.36
N ILE A 244 5.93 5.09 7.59
CA ILE A 244 4.97 4.47 8.50
C ILE A 244 3.65 5.25 8.53
N LEU A 245 3.72 6.58 8.76
CA LEU A 245 2.47 7.33 8.92
C LEU A 245 1.59 7.32 7.67
N ARG A 246 2.20 7.52 6.50
CA ARG A 246 1.43 7.60 5.26
C ARG A 246 0.71 6.31 4.93
N PRO A 247 1.38 5.16 4.87
CA PRO A 247 0.65 3.95 4.45
C PRO A 247 -0.41 3.51 5.48
N ILE A 248 -0.24 3.87 6.76
CA ILE A 248 -1.29 3.59 7.74
C ILE A 248 -2.57 4.35 7.39
N VAL A 249 -2.41 5.64 7.03
CA VAL A 249 -3.56 6.42 6.55
C VAL A 249 -4.19 5.77 5.31
N ALA A 250 -3.33 5.24 4.43
CA ALA A 250 -3.80 4.60 3.22
C ALA A 250 -4.66 3.37 3.47
N ILE A 251 -4.61 2.75 4.66
CA ILE A 251 -5.52 1.64 4.91
C ILE A 251 -6.97 2.04 4.75
N ALA A 252 -7.26 3.33 4.84
CA ALA A 252 -8.61 3.81 4.59
C ALA A 252 -9.15 3.36 3.23
N ILE A 253 -8.28 3.20 2.21
CA ILE A 253 -8.70 2.67 0.89
C ILE A 253 -9.26 1.27 1.05
N PHE A 254 -8.58 0.42 1.83
CA PHE A 254 -9.09 -0.91 2.09
C PHE A 254 -10.34 -0.90 2.99
N ILE A 255 -10.44 0.07 3.92
CA ILE A 255 -11.68 0.19 4.70
C ILE A 255 -12.87 0.47 3.79
N ASN A 256 -12.70 1.37 2.80
CA ASN A 256 -13.74 1.58 1.79
C ASN A 256 -14.20 0.25 1.21
N PHE A 257 -13.26 -0.58 0.76
CA PHE A 257 -13.62 -1.84 0.11
C PHE A 257 -14.23 -2.86 1.05
N ILE A 258 -13.86 -2.84 2.35
CA ILE A 258 -14.53 -3.70 3.31
C ILE A 258 -16.02 -3.35 3.37
N ALA A 259 -16.31 -2.08 3.48
CA ALA A 259 -17.69 -1.60 3.54
C ALA A 259 -18.41 -1.94 2.25
N LEU A 260 -17.75 -1.75 1.11
CA LEU A 260 -18.38 -2.09 -0.17
C LEU A 260 -18.74 -3.55 -0.22
N ALA A 261 -17.81 -4.43 0.17
CA ALA A 261 -18.03 -5.87 0.12
C ALA A 261 -19.17 -6.28 1.06
N LEU A 262 -19.27 -5.64 2.23
CA LEU A 262 -20.36 -5.97 3.15
C LEU A 262 -21.71 -5.61 2.55
N HIS A 263 -21.76 -4.50 1.83
CA HIS A 263 -22.98 -4.04 1.17
C HIS A 263 -23.34 -4.93 -0.01
N HIS A 264 -22.35 -5.36 -0.82
CA HIS A 264 -22.63 -6.09 -2.05
C HIS A 264 -22.87 -7.56 -1.82
N TYR A 265 -22.36 -8.14 -0.75
CA TYR A 265 -22.36 -9.60 -0.56
C TYR A 265 -22.96 -9.97 0.80
N PRO A 266 -24.30 -9.89 0.94
CA PRO A 266 -24.92 -10.22 2.23
C PRO A 266 -24.72 -11.67 2.67
N GLU A 267 -24.59 -12.60 1.75
CA GLU A 267 -24.31 -13.98 2.15
C GLU A 267 -22.93 -14.13 2.74
N GLU A 268 -21.96 -13.31 2.30
CA GLU A 268 -20.63 -13.37 2.89
C GLU A 268 -20.63 -12.69 4.26
N LYS A 269 -21.40 -11.62 4.41
CA LYS A 269 -21.52 -10.97 5.70
C LYS A 269 -22.10 -11.91 6.74
N GLU A 270 -23.10 -12.71 6.36
CA GLU A 270 -23.77 -13.60 7.30
C GLU A 270 -22.83 -14.67 7.84
N LYS A 271 -21.83 -15.09 7.06
CA LYS A 271 -20.88 -16.10 7.50
C LYS A 271 -19.99 -15.57 8.61
N LEU A 272 -19.91 -14.24 8.72
CA LEU A 272 -19.10 -13.61 9.74
C LEU A 272 -19.80 -13.67 11.10
N LYS A 273 -21.14 -13.66 11.08
CA LYS A 273 -21.88 -13.74 12.32
C LYS A 273 -21.75 -15.17 12.84
N SER A 274 -20.69 -15.42 13.59
CA SER A 274 -20.50 -16.75 14.13
C SER A 274 -19.47 -16.61 15.23
N GLY A 275 -18.45 -15.81 14.97
CA GLY A 275 -17.39 -15.65 15.91
C GLY A 275 -16.23 -16.56 15.65
N ASP A 276 -16.35 -17.45 14.65
CA ASP A 276 -15.19 -18.24 14.24
C ASP A 276 -14.28 -17.32 13.43
N LYS A 277 -13.09 -17.07 13.96
CA LYS A 277 -12.20 -16.10 13.36
C LYS A 277 -11.75 -16.50 11.97
N LYS A 278 -11.92 -17.78 11.59
CA LYS A 278 -11.49 -18.21 10.26
C LYS A 278 -12.24 -17.46 9.18
N TYR A 279 -13.52 -17.17 9.39
CA TYR A 279 -14.30 -16.48 8.37
C TYR A 279 -13.83 -15.04 8.19
N SER A 280 -13.57 -14.32 9.28
CA SER A 280 -13.07 -12.96 9.17
C SER A 280 -11.71 -12.93 8.47
N GLN A 281 -10.85 -13.89 8.78
CA GLN A 281 -9.54 -13.94 8.13
C GLN A 281 -9.68 -14.10 6.62
N MET A 282 -10.50 -15.06 6.20
CA MET A 282 -10.74 -15.28 4.77
C MET A 282 -11.31 -14.02 4.10
N PHE A 283 -12.23 -13.32 4.75
CA PHE A 283 -12.87 -12.14 4.18
C PHE A 283 -11.83 -11.03 3.96
N VAL A 284 -11.01 -10.76 4.98
CA VAL A 284 -9.95 -9.75 4.87
C VAL A 284 -8.99 -10.11 3.73
N GLN A 285 -8.55 -11.36 3.67
CA GLN A 285 -7.64 -11.75 2.60
C GLN A 285 -8.27 -11.55 1.23
N GLU A 286 -9.54 -11.89 1.09
CA GLU A 286 -10.20 -11.74 -0.19
C GLU A 286 -10.41 -10.28 -0.56
N VAL A 287 -10.61 -9.40 0.42
CA VAL A 287 -10.64 -7.98 0.09
C VAL A 287 -9.29 -7.55 -0.50
N ARG A 288 -8.18 -7.97 0.14
CA ARG A 288 -6.85 -7.63 -0.37
C ARG A 288 -6.59 -8.23 -1.76
N ARG A 289 -7.08 -9.45 -2.03
CA ARG A 289 -6.85 -10.06 -3.34
C ARG A 289 -7.70 -9.43 -4.41
N PHE A 290 -8.98 -9.17 -4.13
CA PHE A 290 -9.96 -8.85 -5.16
C PHE A 290 -9.92 -7.39 -5.58
N TYR A 291 -9.82 -6.47 -4.67
CA TYR A 291 -9.95 -5.07 -5.01
C TYR A 291 -8.61 -4.45 -5.39
N PRO A 292 -8.61 -3.48 -6.32
CA PRO A 292 -7.36 -2.91 -6.82
C PRO A 292 -6.79 -1.95 -5.76
N PHE A 293 -5.45 -1.88 -5.70
CA PHE A 293 -4.85 -0.91 -4.79
C PHE A 293 -3.46 -0.51 -5.34
N PHE A 294 -2.45 -1.36 -5.06
CA PHE A 294 -1.10 -1.04 -5.56
C PHE A 294 -0.96 -1.76 -6.93
N PRO A 295 -0.87 -0.99 -8.04
CA PRO A 295 -0.98 -1.67 -9.35
C PRO A 295 0.19 -2.58 -9.75
N PHE A 296 1.38 -2.05 -9.58
CA PHE A 296 2.63 -2.65 -10.07
C PHE A 296 3.76 -2.02 -9.27
N VAL A 297 4.90 -2.72 -9.26
CA VAL A 297 6.15 -2.24 -8.67
C VAL A 297 7.21 -2.22 -9.76
N VAL A 298 8.23 -1.42 -9.57
CA VAL A 298 9.27 -1.22 -10.59
C VAL A 298 10.67 -1.49 -10.08
N ALA A 299 11.50 -2.00 -10.97
CA ALA A 299 12.90 -2.24 -10.73
C ALA A 299 13.65 -2.01 -12.04
N LEU A 300 14.97 -1.95 -11.96
CA LEU A 300 15.82 -1.93 -13.15
C LEU A 300 16.53 -3.27 -13.27
N VAL A 301 16.69 -3.77 -14.49
CA VAL A 301 17.55 -4.94 -14.69
C VAL A 301 18.98 -4.62 -14.25
N LYS A 302 19.53 -5.49 -13.38
CA LYS A 302 20.84 -5.30 -12.78
C LYS A 302 21.99 -5.78 -13.67
N LYS A 303 21.77 -6.83 -14.43
CA LYS A 303 22.77 -7.45 -15.30
C LYS A 303 22.00 -8.21 -16.37
N ASP A 304 22.57 -8.27 -17.59
CA ASP A 304 21.90 -8.97 -18.69
C ASP A 304 21.59 -10.41 -18.25
N PHE A 305 20.40 -10.88 -18.60
CA PHE A 305 20.05 -12.28 -18.34
C PHE A 305 18.96 -12.69 -19.30
N THR A 306 18.67 -14.00 -19.32
CA THR A 306 17.68 -14.58 -20.21
C THR A 306 16.59 -15.30 -19.42
N TRP A 307 15.36 -15.18 -19.88
CA TRP A 307 14.23 -15.89 -19.30
C TRP A 307 13.23 -16.09 -20.41
N LYS A 308 12.67 -17.30 -20.52
CA LYS A 308 11.68 -17.61 -21.54
C LYS A 308 12.24 -17.36 -22.95
N GLY A 309 13.57 -17.45 -23.10
CA GLY A 309 14.26 -17.20 -24.36
C GLY A 309 14.48 -15.75 -24.73
N TYR A 310 14.08 -14.80 -23.89
CA TYR A 310 14.15 -13.38 -24.16
C TYR A 310 15.29 -12.76 -23.36
N LYS A 311 15.94 -11.76 -23.93
CA LYS A 311 17.00 -11.06 -23.21
C LYS A 311 16.44 -9.86 -22.44
N PHE A 312 16.74 -9.82 -21.15
CA PHE A 312 16.56 -8.63 -20.31
C PHE A 312 17.90 -7.90 -20.30
N GLU A 313 17.92 -6.66 -20.77
CA GLU A 313 19.14 -5.87 -20.81
C GLU A 313 19.35 -4.97 -19.60
N GLU A 314 20.58 -4.90 -19.11
CA GLU A 314 20.92 -4.09 -17.95
C GLU A 314 20.40 -2.66 -18.12
N GLY A 315 19.78 -2.14 -17.06
CA GLY A 315 19.25 -0.80 -17.03
C GLY A 315 17.82 -0.64 -17.51
N THR A 316 17.18 -1.71 -17.97
CA THR A 316 15.82 -1.58 -18.49
C THR A 316 14.81 -1.55 -17.34
N LEU A 317 13.89 -0.59 -17.41
CA LEU A 317 12.81 -0.48 -16.42
C LEU A 317 11.84 -1.63 -16.60
N THR A 318 11.50 -2.28 -15.50
CA THR A 318 10.66 -3.48 -15.46
C THR A 318 9.54 -3.28 -14.45
N LEU A 319 8.32 -3.56 -14.86
CA LEU A 319 7.11 -3.51 -14.05
C LEU A 319 6.62 -4.91 -13.75
N LEU A 320 6.39 -5.18 -12.46
CA LEU A 320 5.71 -6.39 -12.02
C LEU A 320 4.24 -6.11 -11.79
N ASP A 321 3.37 -6.85 -12.46
CA ASP A 321 1.92 -6.70 -12.45
C ASP A 321 1.34 -7.35 -11.18
N LEU A 322 1.15 -6.52 -10.15
CA LEU A 322 0.55 -7.05 -8.90
C LEU A 322 -0.93 -7.35 -9.07
N TYR A 323 -1.69 -6.37 -9.58
CA TYR A 323 -3.14 -6.56 -9.78
C TYR A 323 -3.42 -7.79 -10.64
N GLY A 324 -2.76 -7.88 -11.80
CA GLY A 324 -2.94 -8.98 -12.70
C GLY A 324 -2.52 -10.34 -12.18
N THR A 325 -1.53 -10.39 -11.31
CA THR A 325 -1.21 -11.67 -10.67
C THR A 325 -2.30 -12.09 -9.70
N ASN A 326 -2.83 -11.12 -8.94
CA ASN A 326 -3.91 -11.41 -8.02
C ASN A 326 -5.20 -11.79 -8.73
N HIS A 327 -5.32 -11.43 -10.03
CA HIS A 327 -6.45 -11.79 -10.87
C HIS A 327 -6.07 -12.79 -11.96
N ASP A 328 -5.00 -13.52 -11.81
CA ASP A 328 -4.48 -14.37 -12.90
C ASP A 328 -5.33 -15.64 -12.97
N PRO A 329 -5.97 -15.93 -14.12
CA PRO A 329 -6.73 -17.20 -14.23
C PRO A 329 -5.87 -18.45 -14.28
N GLU A 330 -4.55 -18.34 -14.43
CA GLU A 330 -3.70 -19.51 -14.26
C GLU A 330 -3.36 -19.79 -12.80
N ILE A 331 -3.70 -18.89 -11.88
CA ILE A 331 -3.45 -19.08 -10.47
C ILE A 331 -4.75 -19.35 -9.70
N TRP A 332 -5.79 -18.62 -10.01
CA TRP A 332 -6.99 -18.60 -9.21
C TRP A 332 -8.18 -19.08 -10.02
N LYS A 333 -9.06 -19.82 -9.35
CA LYS A 333 -10.34 -20.23 -9.96
C LYS A 333 -11.31 -19.05 -9.90
N ASN A 334 -11.85 -18.65 -11.04
CA ASN A 334 -12.79 -17.54 -11.13
C ASN A 334 -12.21 -16.34 -10.39
N PRO A 335 -11.09 -15.81 -10.87
CA PRO A 335 -10.41 -14.71 -10.17
C PRO A 335 -11.20 -13.42 -10.08
N ASP A 336 -12.18 -13.22 -10.94
CA ASP A 336 -12.87 -11.95 -11.03
C ASP A 336 -14.20 -11.94 -10.28
N VAL A 337 -14.34 -12.83 -9.31
CA VAL A 337 -15.44 -12.76 -8.35
C VAL A 337 -14.86 -12.72 -6.93
N PHE A 338 -15.58 -12.05 -6.04
CA PHE A 338 -15.28 -11.96 -4.61
C PHE A 338 -15.80 -13.23 -3.94
N SER A 339 -14.90 -14.10 -3.48
CA SER A 339 -15.26 -15.40 -2.93
C SER A 339 -14.28 -15.77 -1.83
N PRO A 340 -14.56 -15.32 -0.58
CA PRO A 340 -13.63 -15.61 0.54
C PRO A 340 -13.34 -17.09 0.75
N ASP A 341 -14.27 -17.97 0.34
CA ASP A 341 -14.06 -19.40 0.50
C ASP A 341 -12.83 -19.91 -0.22
N ARG A 342 -12.33 -19.17 -1.23
CA ARG A 342 -11.10 -19.60 -1.86
C ARG A 342 -9.92 -19.65 -0.89
N PHE A 343 -10.01 -18.96 0.25
CA PHE A 343 -8.92 -18.96 1.21
C PHE A 343 -9.07 -20.01 2.30
N ALA A 344 -10.05 -20.89 2.21
CA ALA A 344 -10.24 -21.89 3.27
C ALA A 344 -8.96 -22.71 3.42
N LYS A 345 -8.36 -22.63 4.61
CA LYS A 345 -7.07 -23.27 4.93
C LYS A 345 -6.00 -23.01 3.87
N TRP A 346 -5.85 -21.74 3.49
CA TRP A 346 -4.85 -21.37 2.45
C TRP A 346 -3.47 -21.16 3.10
N GLY A 348 -1.46 -21.68 -2.24
CA GLY A 348 -0.83 -20.55 -2.90
C GLY A 348 0.57 -20.30 -2.38
N SER A 349 1.23 -19.26 -2.89
CA SER A 349 2.60 -19.01 -2.48
C SER A 349 2.83 -17.53 -2.15
N PRO A 350 4.05 -17.24 -1.68
CA PRO A 350 4.46 -15.83 -1.56
C PRO A 350 4.68 -15.10 -2.85
N PHE A 351 4.56 -15.75 -4.00
CA PHE A 351 4.70 -15.13 -5.30
C PHE A 351 3.42 -15.12 -6.10
N SER A 352 2.34 -15.70 -5.56
CA SER A 352 1.06 -15.78 -6.24
C SER A 352 -0.02 -14.85 -5.73
N PHE A 353 0.07 -14.43 -4.48
CA PHE A 353 -0.88 -13.58 -3.78
C PHE A 353 -0.05 -12.40 -3.29
N ILE A 354 -0.04 -11.30 -4.04
CA ILE A 354 0.99 -10.26 -3.91
C ILE A 354 0.41 -8.83 -3.88
N PRO A 355 -0.71 -8.57 -3.21
CA PRO A 355 -1.21 -7.19 -3.18
C PRO A 355 -0.31 -6.19 -2.49
N GLN A 356 0.57 -6.66 -1.61
CA GLN A 356 1.55 -5.85 -0.90
C GLN A 356 2.97 -6.33 -1.17
N GLY A 357 3.19 -6.84 -2.37
CA GLY A 357 4.47 -7.35 -2.80
C GLY A 357 4.59 -8.85 -2.58
N GLY A 358 5.67 -9.40 -3.15
CA GLY A 358 5.96 -10.81 -3.06
C GLY A 358 7.30 -11.06 -2.37
N GLY A 359 7.59 -12.36 -2.25
CA GLY A 359 8.83 -12.78 -1.64
C GLY A 359 8.87 -12.64 -0.12
N ASP A 360 10.08 -12.31 0.35
CA ASP A 360 10.46 -12.32 1.77
C ASP A 360 10.57 -10.89 2.28
N TYR A 361 10.17 -10.68 3.54
CA TYR A 361 10.18 -9.32 4.12
C TYR A 361 11.60 -8.78 4.28
N PHE A 362 12.55 -9.65 4.60
CA PHE A 362 13.92 -9.27 4.94
C PHE A 362 14.85 -9.27 3.75
N MET A 363 14.68 -10.17 2.80
N MET A 363 14.65 -10.18 2.80
CA MET A 363 15.57 -10.30 1.64
CA MET A 363 15.49 -10.39 1.63
C MET A 363 15.02 -9.61 0.40
C MET A 363 15.02 -9.62 0.41
N GLY A 364 13.96 -8.82 0.55
CA GLY A 364 13.42 -8.06 -0.54
C GLY A 364 12.53 -6.94 -0.04
N HIS A 365 11.87 -6.30 -0.99
CA HIS A 365 11.15 -5.06 -0.79
C HIS A 365 9.67 -5.27 -0.42
N ARG A 366 9.23 -6.50 -0.18
CA ARG A 366 7.86 -6.74 0.29
C ARG A 366 7.47 -5.82 1.44
N CYS A 367 6.23 -5.37 1.38
CA CYS A 367 5.69 -4.41 2.36
C CYS A 367 6.03 -4.75 3.80
N ALA A 368 6.66 -3.80 4.48
CA ALA A 368 6.96 -4.01 5.90
C ALA A 368 5.70 -4.06 6.72
N GLY A 369 4.65 -3.38 6.30
CA GLY A 369 3.42 -3.20 7.02
C GLY A 369 2.27 -4.14 6.67
N GLU A 370 2.57 -5.29 6.08
CA GLU A 370 1.53 -6.22 5.68
C GLU A 370 0.75 -6.75 6.88
N TRP A 371 1.45 -7.15 7.94
CA TRP A 371 0.74 -7.60 9.14
C TRP A 371 -0.03 -6.48 9.83
N VAL A 372 0.51 -5.27 9.86
CA VAL A 372 -0.25 -4.12 10.35
C VAL A 372 -1.55 -3.97 9.58
N THR A 373 -1.46 -4.04 8.25
CA THR A 373 -2.62 -3.84 7.40
C THR A 373 -3.69 -4.88 7.69
N ILE A 374 -3.29 -6.14 7.75
CA ILE A 374 -4.24 -7.21 8.01
C ILE A 374 -4.92 -7.03 9.37
N GLU A 375 -4.13 -6.66 10.39
CA GLU A 375 -4.70 -6.50 11.73
C GLU A 375 -5.64 -5.29 11.80
N VAL A 376 -5.29 -4.18 11.18
CA VAL A 376 -6.19 -3.02 11.12
C VAL A 376 -7.48 -3.37 10.39
N MET A 377 -7.37 -4.10 9.28
CA MET A 377 -8.55 -4.52 8.54
C MET A 377 -9.46 -5.40 9.38
N LYS A 378 -8.89 -6.31 10.16
CA LYS A 378 -9.68 -7.16 11.07
C LYS A 378 -10.45 -6.33 12.09
N VAL A 379 -9.81 -5.33 12.69
CA VAL A 379 -10.51 -4.46 13.64
C VAL A 379 -11.64 -3.74 12.95
N SER A 380 -11.36 -3.20 11.77
CA SER A 380 -12.32 -2.41 11.03
C SER A 380 -13.53 -3.25 10.65
N LEU A 381 -13.29 -4.45 10.13
CA LEU A 381 -14.36 -5.37 9.80
C LEU A 381 -15.21 -5.70 11.03
N ASP A 382 -14.55 -6.01 12.14
CA ASP A 382 -15.28 -6.27 13.38
C ASP A 382 -16.17 -5.08 13.78
N TYR A 383 -15.65 -3.84 13.65
CA TYR A 383 -16.47 -2.68 14.00
C TYR A 383 -17.69 -2.58 13.11
N LEU A 384 -17.49 -2.67 11.81
CA LEU A 384 -18.55 -2.41 10.86
C LEU A 384 -19.64 -3.45 10.94
N THR A 385 -19.32 -4.65 11.39
CA THR A 385 -20.28 -5.75 11.46
C THR A 385 -20.85 -5.98 12.86
N ASN A 386 -20.09 -5.78 13.92
CA ASN A 386 -20.47 -6.26 15.25
C ASN A 386 -20.64 -5.18 16.29
N ARG A 387 -20.19 -3.97 16.04
CA ARG A 387 -20.16 -2.93 17.04
C ARG A 387 -20.97 -1.70 16.67
N MET A 388 -21.62 -1.69 15.52
CA MET A 388 -22.40 -0.56 15.05
C MET A 388 -23.41 -1.04 14.02
N ASP A 389 -24.40 -0.20 13.75
CA ASP A 389 -25.33 -0.36 12.64
C ASP A 389 -25.39 0.97 11.91
N TYR A 390 -25.64 0.89 10.61
CA TYR A 390 -25.69 2.06 9.74
C TYR A 390 -26.45 1.67 8.50
N GLU A 391 -26.83 2.69 7.75
CA GLU A 391 -27.48 2.53 6.46
C GLU A 391 -26.56 3.03 5.35
N VAL A 392 -26.69 2.39 4.18
CA VAL A 392 -26.00 2.82 2.97
C VAL A 392 -27.05 3.41 2.02
N PRO A 393 -27.15 4.72 1.90
CA PRO A 393 -28.15 5.31 1.01
C PRO A 393 -27.79 5.07 -0.46
N ASP A 394 -28.81 5.17 -1.31
CA ASP A 394 -28.59 5.11 -2.74
C ASP A 394 -27.51 6.09 -3.18
N GLN A 395 -26.49 5.58 -3.86
CA GLN A 395 -25.35 6.40 -4.23
C GLN A 395 -24.56 5.69 -5.32
N ASP A 396 -23.61 6.41 -5.90
CA ASP A 396 -22.68 5.84 -6.90
C ASP A 396 -21.46 5.23 -6.21
N LEU A 397 -21.48 3.93 -5.99
CA LEU A 397 -20.37 3.18 -5.40
C LEU A 397 -19.40 2.63 -6.45
N SER A 398 -19.56 2.97 -7.73
CA SER A 398 -18.68 2.39 -8.74
C SER A 398 -17.27 2.91 -8.50
N PHE A 399 -16.27 2.13 -8.91
CA PHE A 399 -14.87 2.52 -8.77
C PHE A 399 -14.15 2.27 -10.08
N SER A 400 -13.43 3.26 -10.55
CA SER A 400 -12.82 3.21 -11.87
C SER A 400 -11.46 2.51 -11.82
N MET A 401 -11.24 1.58 -12.74
CA MET A 401 -9.94 0.91 -12.86
C MET A 401 -8.87 1.80 -13.46
N ALA A 402 -9.20 2.98 -13.98
CA ALA A 402 -8.22 3.90 -14.51
C ALA A 402 -7.68 4.88 -13.47
N SER A 403 -8.33 5.00 -12.32
CA SER A 403 -7.87 5.88 -11.26
C SER A 403 -7.06 5.05 -10.26
N MET A 404 -5.86 5.51 -9.95
CA MET A 404 -4.97 4.80 -9.03
C MET A 404 -4.47 5.72 -7.93
N PRO A 405 -4.89 5.49 -6.68
CA PRO A 405 -5.81 4.44 -6.21
C PRO A 405 -7.24 4.66 -6.64
N SER A 406 -8.01 3.60 -6.57
CA SER A 406 -9.40 3.57 -6.99
C SER A 406 -10.26 3.75 -5.74
N ILE A 407 -11.12 4.76 -5.78
CA ILE A 407 -12.00 5.12 -4.68
C ILE A 407 -13.43 5.12 -5.22
N PRO A 408 -14.39 4.49 -4.53
CA PRO A 408 -15.79 4.57 -4.97
C PRO A 408 -16.20 6.04 -5.13
N HIS A 409 -17.00 6.35 -6.16
CA HIS A 409 -17.18 7.74 -6.53
C HIS A 409 -17.80 8.59 -5.42
N SER A 410 -18.69 8.01 -4.64
CA SER A 410 -19.37 8.74 -3.58
C SER A 410 -18.51 8.87 -2.32
N LYS A 411 -17.34 8.20 -2.31
CA LYS A 411 -16.47 8.11 -1.14
C LYS A 411 -17.07 7.31 0.02
N VAL A 412 -18.15 6.57 -0.24
CA VAL A 412 -18.84 5.62 0.64
C VAL A 412 -19.59 6.41 1.75
N VAL A 413 -20.80 6.86 1.41
CA VAL A 413 -21.61 7.62 2.37
C VAL A 413 -22.41 6.64 3.20
N ILE A 414 -22.37 6.80 4.51
CA ILE A 414 -23.22 6.04 5.42
C ILE A 414 -24.03 7.03 6.26
N LYS A 415 -25.12 6.52 6.84
CA LYS A 415 -25.99 7.42 7.61
C LYS A 415 -26.70 6.60 8.68
N ASN A 416 -27.32 7.34 9.62
CA ASN A 416 -28.04 6.73 10.74
C ASN A 416 -27.13 5.78 11.52
N VAL A 417 -25.90 6.24 11.78
CA VAL A 417 -24.96 5.41 12.52
C VAL A 417 -25.39 5.30 13.98
N LYS A 418 -25.35 4.09 14.52
CA LYS A 418 -25.60 3.88 15.94
C LYS A 418 -24.63 2.87 16.53
N LYS A 419 -23.94 3.26 17.60
CA LYS A 419 -23.05 2.33 18.29
C LYS A 419 -23.85 1.32 19.09
N ARG A 420 -23.52 0.04 18.96
CA ARG A 420 -24.19 -1.00 19.73
C ARG A 420 -23.68 -0.99 21.16
N ILE A 421 -24.60 -1.14 22.13
CA ILE A 421 -24.21 -1.12 23.54
C ILE A 421 -24.92 -2.20 24.37
C1 MYR B . 1.68 3.66 0.56
O1 MYR B . 1.30 4.78 0.96
O2 MYR B . 2.86 3.53 0.16
C2 MYR B . 0.68 2.50 0.56
C3 MYR B . 0.26 2.21 -0.87
C4 MYR B . -0.33 3.42 -1.56
C5 MYR B . -0.52 3.03 -3.02
C6 MYR B . -1.18 4.06 -3.89
C7 MYR B . -1.50 3.36 -5.19
C8 MYR B . -1.24 4.18 -6.43
C9 MYR B . 0.21 4.59 -6.57
C10 MYR B . 0.61 4.50 -8.03
C11 MYR B . 1.60 3.39 -8.31
C12 MYR B . 3.05 3.78 -8.30
C13 MYR B . 3.90 2.72 -8.95
C14 MYR B . 5.32 2.66 -8.41
CHA HEM C . 6.22 -1.48 0.44
CHB HEM C . 1.56 -2.20 -0.51
CHC HEM C . 0.38 -0.60 3.87
CHD HEM C . 5.05 0.08 4.90
C1A HEM C . 5.05 -1.84 -0.20
C2A HEM C . 4.98 -2.39 -1.55
C3A HEM C . 3.70 -2.63 -1.81
C4A HEM C . 2.93 -2.21 -0.63
CMA HEM C . 3.16 -3.18 -3.11
CAA HEM C . 6.20 -2.55 -2.47
CBA HEM C . 6.68 -3.96 -2.67
CGA HEM C . 7.94 -3.94 -3.49
O1A HEM C . 8.40 -5.02 -3.91
O2A HEM C . 8.55 -2.88 -3.74
C1B HEM C . 0.81 -1.70 0.55
C2B HEM C . -0.61 -1.49 0.53
C3B HEM C . -0.91 -1.00 1.74
C4B HEM C . 0.27 -0.92 2.54
CMB HEM C . -1.56 -1.75 -0.66
CAB HEM C . -2.32 -0.65 2.15
CBB HEM C . -2.60 0.33 2.97
C1C HEM C . 1.56 -0.42 4.58
C2C HEM C . 1.66 -0.08 5.99
C3C HEM C . 2.93 0.16 6.28
C4C HEM C . 3.68 -0.05 5.04
CMC HEM C . 0.39 0.01 6.86
CAC HEM C . 3.58 0.53 7.59
CBC HEM C . 3.05 0.24 8.74
C1D HEM C . 5.76 -0.24 3.75
C2D HEM C . 7.18 -0.05 3.58
C3D HEM C . 7.49 -0.52 2.35
C4D HEM C . 6.31 -0.93 1.71
CMD HEM C . 8.15 0.52 4.62
CAD HEM C . 8.87 -0.53 1.68
CBD HEM C . 9.67 -1.84 1.90
CGD HEM C . 10.96 -2.00 1.15
O1D HEM C . 11.15 -1.27 0.15
O2D HEM C . 11.79 -2.88 1.60
NA HEM C . 3.77 -1.73 0.36
NB HEM C . 1.33 -1.30 1.77
NC HEM C . 2.83 -0.42 4.00
ND HEM C . 5.25 -0.78 2.57
FE HEM C . 3.30 -1.18 2.19
C1 PEG D . 5.40 4.33 -13.82
O1 PEG D . 5.69 3.49 -14.94
C2 PEG D . 4.13 5.15 -13.94
O2 PEG D . 3.95 5.89 -12.73
C3 PEG D . 2.74 6.56 -12.46
C4 PEG D . 1.94 6.89 -13.70
O4 PEG D . 0.77 6.11 -13.67
#